data_5UZA
#
_entry.id   5UZA
#
_cell.length_a   48.985
_cell.length_b   151.575
_cell.length_c   24.735
_cell.angle_alpha   90.000
_cell.angle_beta   90.000
_cell.angle_gamma   90.000
#
_symmetry.space_group_name_H-M   'P 21 21 2'
#
loop_
_entity.id
_entity.type
_entity.pdbx_description
1 polymer 'RNA (71-MER)'
2 non-polymer ADENINE
3 non-polymer 'MAGNESIUM ION'
4 water water
#
_entity_poly.entity_id   1
_entity_poly.type   'polyribonucleotide'
_entity_poly.pdbx_seq_one_letter_code
;GGGAAGAUAUAAUCC(IU)AA(IU)GAUAUGGUUUGGGAGUUUCUACCAAGAGCCUUAAACUCUUGAUUAUCUUCCC
;
_entity_poly.pdbx_strand_id   X
#